data_1WOR
#
_entry.id   1WOR
#
_cell.length_a   52.435
_cell.length_b   53.955
_cell.length_c   149.460
_cell.angle_alpha   90.00
_cell.angle_beta   90.00
_cell.angle_gamma   90.00
#
_symmetry.space_group_name_H-M   'P 21 21 21'
#
loop_
_entity.id
_entity.type
_entity.pdbx_description
1 polymer Aminomethyltransferase
2 non-polymer 'DIHYDROLIPOIC ACID'
3 water water
#
_entity_poly.entity_id   1
_entity_poly.type   'polypeptide(L)'
_entity_poly.pdbx_seq_one_letter_code
;MKRTPLFEKHVELGAKMVDFAGWEMPLYYTSIFEEVMAVRKSVGMFDVSHMGEFLVKGPEAVSFIDFLITNDFSSLPDGK
AIYSVMCNENGGIIDDLVVYKVSPDEALMVVNAANIEKDFNWIKSHSKNFDVEVSNISDTTALIAFQGPKAQETLQELVE
DGLEEIAYYSFRKSIVAGVETLVSRTGYTGEDGFELMLEAKNAPKVWDALMNLLRKIDGRPAGLGARDVCRLEATYLLYG
QDMDENTNPFEVGLSWVVKLNKDFVGKEALLKAKEKVERKLVALELSGKRIARKGYEVLKNGERVGEITSGNFSPTLGKS
IALALVSKSVKIGDQLGVVFPGGKLVEALVVKKPFYRGSVRREV
;
_entity_poly.pdbx_strand_id   A
#
# COMPACT_ATOMS: atom_id res chain seq x y z
N MET A 1 9.49 -20.65 -4.63
CA MET A 1 9.05 -19.23 -4.46
C MET A 1 10.25 -18.37 -4.08
N LYS A 2 10.11 -17.06 -4.28
CA LYS A 2 11.18 -16.12 -3.91
C LYS A 2 11.10 -15.97 -2.40
N ARG A 3 12.25 -15.76 -1.76
CA ARG A 3 12.32 -15.60 -0.32
C ARG A 3 13.01 -14.29 0.06
N THR A 4 12.43 -13.54 1.00
CA THR A 4 13.06 -12.30 1.44
C THR A 4 14.22 -12.64 2.37
N PRO A 5 15.06 -11.66 2.72
CA PRO A 5 16.19 -11.93 3.61
C PRO A 5 15.77 -12.28 5.05
N LEU A 6 14.46 -12.18 5.33
CA LEU A 6 13.94 -12.50 6.65
C LEU A 6 13.16 -13.82 6.67
N PHE A 7 13.21 -14.56 5.56
CA PHE A 7 12.51 -15.84 5.48
C PHE A 7 12.83 -16.72 6.68
N GLU A 8 14.12 -16.92 6.95
CA GLU A 8 14.55 -17.76 8.07
C GLU A 8 13.93 -17.32 9.39
N LYS A 9 13.83 -16.00 9.60
CA LYS A 9 13.24 -15.48 10.83
C LYS A 9 11.76 -15.87 10.92
N HIS A 10 11.05 -15.77 9.80
CA HIS A 10 9.63 -16.12 9.80
C HIS A 10 9.45 -17.60 10.10
N VAL A 11 10.30 -18.43 9.50
CA VAL A 11 10.22 -19.88 9.72
C VAL A 11 10.47 -20.20 11.19
N GLU A 12 11.48 -19.58 11.77
CA GLU A 12 11.81 -19.81 13.16
C GLU A 12 10.66 -19.41 14.09
N LEU A 13 9.96 -18.35 13.71
CA LEU A 13 8.82 -17.87 14.49
C LEU A 13 7.59 -18.75 14.34
N GLY A 14 7.72 -19.81 13.55
CA GLY A 14 6.62 -20.74 13.34
C GLY A 14 5.43 -20.20 12.56
N ALA A 15 5.67 -19.22 11.70
CA ALA A 15 4.60 -18.63 10.91
C ALA A 15 4.03 -19.57 9.85
N LYS A 16 2.75 -19.39 9.55
CA LYS A 16 2.07 -20.17 8.53
C LYS A 16 2.38 -19.40 7.24
N MET A 17 2.95 -20.07 6.26
CA MET A 17 3.32 -19.42 5.01
C MET A 17 2.24 -19.42 3.93
N VAL A 18 2.33 -18.46 3.02
CA VAL A 18 1.40 -18.33 1.92
C VAL A 18 2.18 -17.78 0.73
N ASP A 19 1.73 -18.12 -0.47
CA ASP A 19 2.39 -17.65 -1.69
C ASP A 19 1.77 -16.32 -2.09
N PHE A 20 2.55 -15.24 -2.04
CA PHE A 20 2.04 -13.95 -2.44
C PHE A 20 2.92 -13.34 -3.52
N ALA A 21 2.36 -13.16 -4.70
CA ALA A 21 3.09 -12.57 -5.81
C ALA A 21 4.39 -13.34 -6.07
N GLY A 22 4.36 -14.65 -5.90
CA GLY A 22 5.55 -15.46 -6.13
C GLY A 22 6.54 -15.52 -4.97
N TRP A 23 6.19 -14.87 -3.85
CA TRP A 23 7.07 -14.86 -2.68
C TRP A 23 6.51 -15.76 -1.57
N GLU A 24 7.41 -16.46 -0.87
CA GLU A 24 7.02 -17.32 0.25
C GLU A 24 6.95 -16.35 1.43
N MET A 25 5.74 -15.97 1.81
CA MET A 25 5.53 -15.00 2.89
C MET A 25 4.70 -15.51 4.07
N PRO A 26 4.87 -14.89 5.24
CA PRO A 26 4.13 -15.27 6.45
C PRO A 26 2.71 -14.72 6.44
N LEU A 27 1.73 -15.61 6.48
CA LEU A 27 0.34 -15.21 6.49
C LEU A 27 0.04 -14.68 7.89
N TYR A 28 0.59 -15.36 8.89
CA TYR A 28 0.44 -14.97 10.29
C TYR A 28 1.40 -15.83 11.12
N TYR A 29 1.73 -15.35 12.32
CA TYR A 29 2.63 -16.06 13.20
C TYR A 29 1.85 -16.73 14.32
N THR A 30 0.93 -15.98 14.92
CA THR A 30 0.08 -16.49 15.99
C THR A 30 -1.33 -16.58 15.44
N SER A 31 -1.94 -15.43 15.17
CA SER A 31 -3.28 -15.39 14.58
C SER A 31 -3.45 -14.04 13.91
N ILE A 32 -4.24 -13.99 12.84
CA ILE A 32 -4.49 -12.75 12.13
C ILE A 32 -5.09 -11.73 13.08
N PHE A 33 -6.03 -12.20 13.91
CA PHE A 33 -6.69 -11.33 14.87
C PHE A 33 -5.71 -10.71 15.88
N GLU A 34 -4.88 -11.54 16.49
CA GLU A 34 -3.91 -11.06 17.47
C GLU A 34 -2.98 -10.03 16.85
N GLU A 35 -2.57 -10.27 15.61
CA GLU A 35 -1.67 -9.36 14.92
C GLU A 35 -2.34 -8.06 14.52
N VAL A 36 -3.63 -8.11 14.20
CA VAL A 36 -4.36 -6.90 13.85
C VAL A 36 -4.53 -6.02 15.09
N MET A 37 -4.87 -6.62 16.22
CA MET A 37 -5.04 -5.81 17.44
C MET A 37 -3.70 -5.24 17.89
N ALA A 38 -2.60 -5.92 17.55
CA ALA A 38 -1.27 -5.43 17.92
C ALA A 38 -1.02 -4.12 17.16
N VAL A 39 -1.45 -4.10 15.90
CA VAL A 39 -1.31 -2.91 15.07
C VAL A 39 -2.21 -1.80 15.60
N ARG A 40 -3.39 -2.19 16.06
CA ARG A 40 -4.38 -1.24 16.56
C ARG A 40 -4.13 -0.72 17.96
N LYS A 41 -3.44 -1.50 18.79
CA LYS A 41 -3.20 -1.10 20.18
C LYS A 41 -1.76 -0.78 20.60
N SER A 42 -0.78 -1.40 19.94
CA SER A 42 0.61 -1.13 20.29
C SER A 42 1.43 -1.03 19.01
N VAL A 43 2.01 -2.14 18.57
CA VAL A 43 2.80 -2.14 17.35
C VAL A 43 2.89 -3.51 16.69
N GLY A 44 2.79 -3.48 15.36
CA GLY A 44 2.89 -4.70 14.57
C GLY A 44 4.02 -4.46 13.58
N MET A 45 4.92 -5.41 13.44
CA MET A 45 6.05 -5.25 12.52
C MET A 45 5.86 -6.17 11.32
N PHE A 46 5.93 -5.60 10.12
CA PHE A 46 5.75 -6.36 8.88
C PHE A 46 6.98 -6.44 8.00
N ASP A 47 7.24 -7.62 7.46
CA ASP A 47 8.34 -7.78 6.51
C ASP A 47 7.74 -7.47 5.14
N VAL A 48 8.15 -6.37 4.52
CA VAL A 48 7.62 -6.02 3.22
C VAL A 48 8.75 -5.89 2.22
N SER A 49 9.74 -6.77 2.37
CA SER A 49 10.92 -6.79 1.51
C SER A 49 10.61 -7.34 0.13
N HIS A 50 9.37 -7.76 -0.09
CA HIS A 50 8.97 -8.28 -1.38
C HIS A 50 8.70 -7.08 -2.29
N MET A 51 8.49 -5.91 -1.69
CA MET A 51 8.25 -4.69 -2.45
C MET A 51 9.50 -4.32 -3.24
N GLY A 52 9.31 -3.67 -4.39
CA GLY A 52 10.45 -3.30 -5.21
C GLY A 52 10.88 -1.85 -5.05
N GLU A 53 12.15 -1.57 -5.36
CA GLU A 53 12.68 -0.22 -5.27
C GLU A 53 13.49 0.10 -6.52
N PHE A 54 13.17 1.23 -7.14
CA PHE A 54 13.86 1.68 -8.35
C PHE A 54 14.54 3.00 -8.02
N LEU A 55 15.71 3.21 -8.59
CA LEU A 55 16.43 4.46 -8.36
C LEU A 55 16.58 5.18 -9.67
N VAL A 56 16.23 6.47 -9.68
CA VAL A 56 16.36 7.30 -10.86
C VAL A 56 17.40 8.36 -10.52
N LYS A 57 18.52 8.36 -11.24
CA LYS A 57 19.58 9.33 -10.96
C LYS A 57 19.95 10.11 -12.20
N GLY A 58 20.15 11.41 -12.01
CA GLY A 58 20.51 12.26 -13.14
C GLY A 58 19.89 13.63 -13.01
N PRO A 59 20.37 14.60 -13.79
CA PRO A 59 19.90 15.99 -13.79
C PRO A 59 18.39 16.14 -14.00
N GLU A 60 17.78 15.24 -14.77
CA GLU A 60 16.34 15.34 -15.03
C GLU A 60 15.50 14.30 -14.30
N ALA A 61 15.98 13.88 -13.14
CA ALA A 61 15.27 12.90 -12.33
C ALA A 61 13.85 13.37 -12.00
N VAL A 62 13.72 14.64 -11.64
CA VAL A 62 12.44 15.20 -11.27
C VAL A 62 11.44 15.25 -12.44
N SER A 63 11.86 15.80 -13.57
CA SER A 63 10.96 15.88 -14.73
C SER A 63 10.58 14.50 -15.25
N PHE A 64 11.47 13.53 -15.12
CA PHE A 64 11.18 12.17 -15.59
C PHE A 64 10.06 11.57 -14.74
N ILE A 65 10.22 11.63 -13.42
CA ILE A 65 9.19 11.10 -12.52
C ILE A 65 7.87 11.82 -12.77
N ASP A 66 7.92 13.14 -12.89
CA ASP A 66 6.72 13.94 -13.11
C ASP A 66 6.01 13.55 -14.41
N PHE A 67 6.79 13.10 -15.38
CA PHE A 67 6.25 12.68 -16.66
C PHE A 67 5.57 11.31 -16.54
N LEU A 68 6.13 10.47 -15.67
CA LEU A 68 5.60 9.12 -15.47
C LEU A 68 4.39 9.03 -14.54
N ILE A 69 4.40 9.77 -13.45
CA ILE A 69 3.29 9.70 -12.48
C ILE A 69 2.22 10.76 -12.62
N THR A 70 1.04 10.44 -12.10
CA THR A 70 -0.11 11.35 -12.15
C THR A 70 -0.02 12.51 -11.17
N ASN A 71 0.64 12.30 -10.04
CA ASN A 71 0.75 13.33 -9.02
C ASN A 71 1.88 14.32 -9.32
N ASP A 72 1.83 15.46 -8.65
CA ASP A 72 2.80 16.54 -8.83
C ASP A 72 4.13 16.31 -8.09
N PHE A 73 5.14 15.84 -8.81
CA PHE A 73 6.45 15.57 -8.21
C PHE A 73 7.39 16.77 -8.33
N SER A 74 7.11 17.65 -9.30
CA SER A 74 7.95 18.81 -9.54
C SER A 74 8.06 19.76 -8.35
N SER A 75 6.99 19.84 -7.55
CA SER A 75 6.98 20.74 -6.39
C SER A 75 7.61 20.17 -5.13
N LEU A 76 7.58 18.85 -4.98
CA LEU A 76 8.13 18.20 -3.79
C LEU A 76 9.57 18.60 -3.45
N PRO A 77 9.79 19.00 -2.19
CA PRO A 77 11.13 19.39 -1.75
C PRO A 77 11.87 18.14 -1.28
N ASP A 78 13.17 18.26 -1.09
CA ASP A 78 14.00 17.16 -0.62
C ASP A 78 13.42 16.55 0.65
N GLY A 79 13.56 15.24 0.81
CA GLY A 79 13.08 14.59 2.02
C GLY A 79 11.59 14.35 2.10
N LYS A 80 10.89 14.51 0.97
CA LYS A 80 9.45 14.28 0.94
C LYS A 80 9.11 13.17 -0.04
N ALA A 81 8.07 12.42 0.28
CA ALA A 81 7.62 11.33 -0.56
C ALA A 81 6.21 11.66 -1.01
N ILE A 82 5.73 10.98 -2.03
CA ILE A 82 4.38 11.23 -2.52
C ILE A 82 3.77 9.95 -3.05
N TYR A 83 2.48 9.75 -2.76
CA TYR A 83 1.76 8.57 -3.22
C TYR A 83 1.16 8.92 -4.57
N SER A 84 1.11 7.96 -5.48
CA SER A 84 0.58 8.24 -6.81
C SER A 84 0.29 6.96 -7.58
N VAL A 85 -0.20 7.15 -8.80
CA VAL A 85 -0.44 6.05 -9.69
C VAL A 85 0.41 6.39 -10.92
N MET A 86 0.65 5.39 -11.74
CA MET A 86 1.41 5.53 -12.96
C MET A 86 0.44 4.94 -13.98
N CYS A 87 0.03 5.74 -14.97
CA CYS A 87 -0.93 5.29 -15.97
C CYS A 87 -0.36 5.02 -17.36
N ASN A 88 -1.07 4.21 -18.15
CA ASN A 88 -0.67 3.93 -19.52
C ASN A 88 -1.30 4.99 -20.42
N GLU A 89 -1.06 4.91 -21.73
CA GLU A 89 -1.60 5.90 -22.65
C GLU A 89 -3.12 6.07 -22.59
N ASN A 90 -3.82 4.99 -22.27
CA ASN A 90 -5.27 5.04 -22.20
C ASN A 90 -5.82 5.39 -20.82
N GLY A 91 -4.93 5.80 -19.91
CA GLY A 91 -5.37 6.18 -18.57
C GLY A 91 -5.59 5.03 -17.60
N GLY A 92 -5.22 3.81 -18.01
CA GLY A 92 -5.36 2.67 -17.11
C GLY A 92 -4.24 2.69 -16.09
N ILE A 93 -4.51 2.16 -14.90
CA ILE A 93 -3.51 2.13 -13.84
C ILE A 93 -2.52 0.98 -13.97
N ILE A 94 -1.26 1.32 -14.18
CA ILE A 94 -0.19 0.35 -14.32
C ILE A 94 0.20 -0.14 -12.91
N ASP A 95 0.22 0.79 -11.96
CA ASP A 95 0.53 0.45 -10.58
C ASP A 95 0.41 1.70 -9.71
N ASP A 96 0.26 1.50 -8.40
CA ASP A 96 0.26 2.67 -7.54
C ASP A 96 1.65 2.59 -6.93
N LEU A 97 2.15 3.70 -6.40
CA LEU A 97 3.52 3.67 -5.88
C LEU A 97 3.78 4.87 -4.99
N VAL A 98 4.97 4.87 -4.39
CA VAL A 98 5.42 5.95 -3.52
C VAL A 98 6.79 6.37 -4.04
N VAL A 99 6.95 7.65 -4.34
CA VAL A 99 8.23 8.14 -4.85
C VAL A 99 8.87 9.09 -3.85
N TYR A 100 10.14 8.84 -3.54
CA TYR A 100 10.91 9.65 -2.59
C TYR A 100 11.75 10.67 -3.34
N LYS A 101 11.65 11.94 -2.96
CA LYS A 101 12.46 12.97 -3.60
C LYS A 101 13.70 13.13 -2.72
N VAL A 102 14.76 12.40 -3.05
CA VAL A 102 16.00 12.47 -2.29
C VAL A 102 16.68 13.81 -2.54
N SER A 103 16.82 14.16 -3.81
CA SER A 103 17.45 15.42 -4.21
C SER A 103 17.07 15.66 -5.65
N PRO A 104 17.42 16.82 -6.21
CA PRO A 104 17.09 17.13 -7.60
C PRO A 104 17.60 16.07 -8.57
N ASP A 105 18.70 15.42 -8.21
CA ASP A 105 19.30 14.40 -9.06
C ASP A 105 19.06 12.96 -8.62
N GLU A 106 18.16 12.75 -7.66
CA GLU A 106 17.87 11.38 -7.21
C GLU A 106 16.47 11.20 -6.65
N ALA A 107 15.79 10.17 -7.15
CA ALA A 107 14.45 9.83 -6.71
C ALA A 107 14.40 8.32 -6.54
N LEU A 108 13.64 7.85 -5.57
CA LEU A 108 13.52 6.41 -5.35
C LEU A 108 12.05 6.05 -5.49
N MET A 109 11.76 4.98 -6.24
CA MET A 109 10.39 4.55 -6.46
C MET A 109 10.15 3.21 -5.76
N VAL A 110 9.09 3.14 -4.94
CA VAL A 110 8.75 1.90 -4.25
C VAL A 110 7.46 1.42 -4.90
N VAL A 111 7.52 0.22 -5.48
CA VAL A 111 6.37 -0.34 -6.18
C VAL A 111 5.98 -1.72 -5.64
N ASN A 112 4.84 -2.22 -6.10
CA ASN A 112 4.32 -3.52 -5.67
C ASN A 112 5.08 -4.72 -6.20
N ALA A 113 5.20 -5.75 -5.35
CA ALA A 113 5.91 -6.98 -5.68
C ALA A 113 5.52 -7.62 -7.01
N ALA A 114 4.22 -7.78 -7.24
CA ALA A 114 3.75 -8.41 -8.48
C ALA A 114 4.04 -7.59 -9.73
N ASN A 115 4.31 -6.30 -9.58
CA ASN A 115 4.56 -5.45 -10.73
C ASN A 115 5.98 -4.97 -10.96
N ILE A 116 6.94 -5.52 -10.21
CA ILE A 116 8.32 -5.09 -10.36
C ILE A 116 8.81 -5.15 -11.80
N GLU A 117 8.69 -6.32 -12.42
CA GLU A 117 9.12 -6.50 -13.80
C GLU A 117 8.37 -5.59 -14.77
N LYS A 118 7.04 -5.61 -14.69
CA LYS A 118 6.22 -4.77 -15.57
C LYS A 118 6.54 -3.29 -15.41
N ASP A 119 6.58 -2.83 -14.16
CA ASP A 119 6.87 -1.42 -13.86
C ASP A 119 8.23 -0.99 -14.38
N PHE A 120 9.26 -1.76 -14.04
CA PHE A 120 10.62 -1.43 -14.46
C PHE A 120 10.76 -1.35 -15.96
N ASN A 121 10.13 -2.28 -16.68
CA ASN A 121 10.19 -2.28 -18.13
C ASN A 121 9.48 -1.04 -18.68
N TRP A 122 8.35 -0.70 -18.07
CA TRP A 122 7.58 0.47 -18.48
C TRP A 122 8.39 1.74 -18.27
N ILE A 123 9.00 1.86 -17.10
CA ILE A 123 9.82 3.01 -16.77
C ILE A 123 11.04 3.13 -17.68
N LYS A 124 11.74 2.01 -17.90
CA LYS A 124 12.91 2.04 -18.77
C LYS A 124 12.56 2.41 -20.20
N SER A 125 11.42 1.89 -20.68
CA SER A 125 10.98 2.18 -22.04
C SER A 125 10.49 3.62 -22.22
N HIS A 126 10.69 4.44 -21.19
CA HIS A 126 10.28 5.85 -21.24
C HIS A 126 11.39 6.80 -20.79
N SER A 127 12.59 6.30 -20.56
CA SER A 127 13.69 7.14 -20.10
C SER A 127 14.44 7.82 -21.24
N LYS A 128 14.20 7.35 -22.46
CA LYS A 128 14.87 7.87 -23.66
C LYS A 128 15.14 9.37 -23.71
N ASN A 129 14.09 10.18 -23.64
CA ASN A 129 14.26 11.63 -23.74
C ASN A 129 14.54 12.37 -22.43
N PHE A 130 15.06 11.65 -21.44
CA PHE A 130 15.40 12.26 -20.17
C PHE A 130 16.83 11.94 -19.79
N ASP A 131 17.52 12.94 -19.24
CA ASP A 131 18.90 12.76 -18.84
C ASP A 131 18.89 12.10 -17.46
N VAL A 132 18.69 10.80 -17.46
CA VAL A 132 18.64 10.02 -16.24
C VAL A 132 19.08 8.59 -16.51
N GLU A 133 19.41 7.89 -15.43
CA GLU A 133 19.77 6.48 -15.51
C GLU A 133 18.85 5.81 -14.51
N VAL A 134 18.17 4.75 -14.94
CA VAL A 134 17.24 4.06 -14.07
C VAL A 134 17.77 2.69 -13.69
N SER A 135 17.68 2.34 -12.42
CA SER A 135 18.16 1.05 -11.95
C SER A 135 17.21 0.40 -10.96
N ASN A 136 17.23 -0.92 -10.92
CA ASN A 136 16.38 -1.70 -10.03
C ASN A 136 17.27 -2.20 -8.88
N ILE A 137 17.05 -1.70 -7.67
CA ILE A 137 17.88 -2.14 -6.55
C ILE A 137 17.12 -3.08 -5.63
N SER A 138 15.99 -3.58 -6.10
CA SER A 138 15.16 -4.49 -5.34
C SER A 138 15.93 -5.70 -4.81
N ASP A 139 16.74 -6.30 -5.68
CA ASP A 139 17.48 -7.50 -5.33
C ASP A 139 18.37 -7.42 -4.08
N THR A 140 18.77 -6.22 -3.68
CA THR A 140 19.62 -6.08 -2.50
C THR A 140 19.05 -5.12 -1.47
N THR A 141 17.74 -4.91 -1.51
CA THR A 141 17.10 -3.97 -0.58
C THR A 141 15.94 -4.58 0.18
N ALA A 142 15.91 -4.33 1.49
CA ALA A 142 14.84 -4.83 2.34
C ALA A 142 13.99 -3.66 2.81
N LEU A 143 12.81 -3.98 3.33
CA LEU A 143 11.90 -2.95 3.79
C LEU A 143 11.07 -3.53 4.92
N ILE A 144 11.09 -2.85 6.06
CA ILE A 144 10.34 -3.27 7.23
C ILE A 144 9.36 -2.18 7.64
N ALA A 145 8.11 -2.57 7.86
CA ALA A 145 7.10 -1.61 8.28
C ALA A 145 6.84 -1.81 9.78
N PHE A 146 7.00 -0.73 10.55
CA PHE A 146 6.82 -0.76 12.01
C PHE A 146 5.60 0.14 12.26
N GLN A 147 4.43 -0.49 12.42
CA GLN A 147 3.17 0.25 12.55
C GLN A 147 2.39 0.12 13.87
N GLY A 148 1.82 1.24 14.30
CA GLY A 148 1.05 1.23 15.53
C GLY A 148 1.09 2.53 16.31
N PRO A 149 0.12 2.75 17.22
CA PRO A 149 0.09 3.98 18.01
C PRO A 149 1.32 4.14 18.89
N LYS A 150 1.99 3.03 19.19
CA LYS A 150 3.19 3.08 20.02
C LYS A 150 4.46 2.83 19.20
N ALA A 151 4.32 2.92 17.89
CA ALA A 151 5.45 2.69 16.99
C ALA A 151 6.61 3.67 17.20
N GLN A 152 6.30 4.96 17.26
CA GLN A 152 7.34 5.96 17.44
C GLN A 152 8.08 5.83 18.77
N GLU A 153 7.32 5.78 19.86
CA GLU A 153 7.92 5.67 21.18
C GLU A 153 8.77 4.41 21.36
N THR A 154 8.39 3.33 20.70
CA THR A 154 9.13 2.07 20.81
C THR A 154 10.38 2.03 19.92
N LEU A 155 10.26 2.55 18.70
CA LEU A 155 11.37 2.55 17.75
C LEU A 155 12.48 3.55 18.04
N GLN A 156 12.13 4.70 18.58
CA GLN A 156 13.09 5.77 18.85
C GLN A 156 14.40 5.40 19.54
N GLU A 157 14.36 4.50 20.52
CA GLU A 157 15.58 4.15 21.25
C GLU A 157 16.63 3.43 20.41
N LEU A 158 16.28 3.06 19.17
CA LEU A 158 17.22 2.38 18.29
C LEU A 158 17.62 3.27 17.12
N VAL A 159 16.98 4.43 17.00
CA VAL A 159 17.24 5.36 15.91
C VAL A 159 18.09 6.55 16.36
N GLU A 160 19.21 6.74 15.67
CA GLU A 160 20.15 7.80 15.98
C GLU A 160 19.61 9.23 15.87
N ASP A 161 18.58 9.43 15.05
CA ASP A 161 18.00 10.77 14.90
C ASP A 161 16.59 10.83 15.49
N GLY A 162 16.11 12.05 15.69
CA GLY A 162 14.78 12.24 16.25
C GLY A 162 13.68 11.91 15.27
N LEU A 163 12.79 10.99 15.65
CA LEU A 163 11.68 10.59 14.79
C LEU A 163 10.56 11.62 14.76
N GLU A 164 10.31 12.27 15.89
CA GLU A 164 9.25 13.27 15.94
C GLU A 164 9.41 14.32 14.85
N GLU A 165 10.66 14.64 14.52
CA GLU A 165 10.97 15.63 13.49
C GLU A 165 10.54 15.20 12.09
N ILE A 166 10.31 13.91 11.90
CA ILE A 166 9.91 13.39 10.60
C ILE A 166 8.39 13.46 10.44
N ALA A 167 7.93 14.35 9.56
CA ALA A 167 6.50 14.52 9.32
C ALA A 167 5.93 13.38 8.49
N TYR A 168 4.60 13.33 8.38
CA TYR A 168 3.92 12.29 7.60
C TYR A 168 4.39 12.41 6.15
N TYR A 169 4.74 11.26 5.58
CA TYR A 169 5.25 11.17 4.22
C TYR A 169 6.53 11.97 3.99
N SER A 170 7.33 12.06 5.05
CA SER A 170 8.64 12.70 5.00
C SER A 170 9.59 11.56 5.34
N PHE A 171 10.87 11.74 5.04
CA PHE A 171 11.84 10.69 5.33
C PHE A 171 13.24 11.26 5.51
N ARG A 172 14.15 10.43 5.96
CA ARG A 172 15.53 10.86 6.14
C ARG A 172 16.44 9.67 6.31
N LYS A 173 17.71 9.88 6.01
CA LYS A 173 18.71 8.83 6.16
C LYS A 173 19.10 8.89 7.64
N SER A 174 19.19 7.74 8.27
CA SER A 174 19.57 7.70 9.68
C SER A 174 20.23 6.37 9.99
N ILE A 175 20.39 6.09 11.27
CA ILE A 175 21.01 4.83 11.68
C ILE A 175 20.04 4.11 12.62
N VAL A 176 19.76 2.85 12.33
CA VAL A 176 18.86 2.06 13.16
C VAL A 176 19.57 0.77 13.55
N ALA A 177 19.66 0.52 14.86
CA ALA A 177 20.33 -0.67 15.35
C ALA A 177 21.74 -0.77 14.75
N GLY A 178 22.37 0.38 14.59
CA GLY A 178 23.73 0.42 14.06
C GLY A 178 23.91 0.32 12.56
N VAL A 179 22.83 0.39 11.78
CA VAL A 179 22.97 0.30 10.33
C VAL A 179 22.25 1.43 9.61
N GLU A 180 22.77 1.80 8.44
CA GLU A 180 22.16 2.88 7.66
C GLU A 180 20.77 2.49 7.21
N THR A 181 19.85 3.43 7.31
CA THR A 181 18.47 3.17 6.92
C THR A 181 17.81 4.43 6.41
N LEU A 182 16.85 4.25 5.51
CA LEU A 182 16.09 5.37 4.98
C LEU A 182 14.76 5.18 5.71
N VAL A 183 14.54 6.01 6.73
CA VAL A 183 13.33 5.93 7.55
C VAL A 183 12.29 6.95 7.09
N SER A 184 11.07 6.45 6.86
CA SER A 184 9.98 7.30 6.43
C SER A 184 8.76 7.13 7.31
N ARG A 185 7.96 8.18 7.46
CA ARG A 185 6.74 8.11 8.25
C ARG A 185 5.63 7.79 7.25
N THR A 186 5.57 6.52 6.88
CA THR A 186 4.60 6.04 5.92
C THR A 186 4.01 4.73 6.44
N GLY A 187 2.96 4.23 5.79
CA GLY A 187 2.35 3.00 6.24
C GLY A 187 1.12 2.61 5.42
N TYR A 188 0.59 1.44 5.72
CA TYR A 188 -0.54 0.86 5.00
C TYR A 188 -1.56 0.34 6.03
N THR A 189 -1.53 0.91 7.23
CA THR A 189 -2.38 0.45 8.33
C THR A 189 -3.44 1.40 8.86
N GLY A 190 -3.24 2.69 8.69
CA GLY A 190 -4.21 3.65 9.21
C GLY A 190 -3.80 4.12 10.59
N GLU A 191 -2.66 3.63 11.08
CA GLU A 191 -2.12 4.02 12.38
C GLU A 191 -0.86 4.81 12.09
N ASP A 192 -0.22 5.34 13.12
CA ASP A 192 1.03 6.06 12.91
C ASP A 192 2.04 4.94 12.64
N GLY A 193 3.19 5.27 12.10
CA GLY A 193 4.16 4.23 11.83
C GLY A 193 5.27 4.66 10.90
N PHE A 194 6.22 3.77 10.69
CA PHE A 194 7.36 4.07 9.82
C PHE A 194 7.72 2.87 8.96
N GLU A 195 8.50 3.14 7.93
CA GLU A 195 9.01 2.07 7.09
C GLU A 195 10.51 2.26 7.10
N LEU A 196 11.24 1.15 7.20
CA LEU A 196 12.68 1.17 7.26
C LEU A 196 13.26 0.46 6.05
N MET A 197 13.86 1.23 5.14
CA MET A 197 14.47 0.67 3.94
C MET A 197 15.94 0.47 4.26
N LEU A 198 16.46 -0.71 3.98
CA LEU A 198 17.86 -0.99 4.28
C LEU A 198 18.46 -2.03 3.37
N GLU A 199 19.79 -2.15 3.40
CA GLU A 199 20.46 -3.15 2.59
C GLU A 199 19.99 -4.49 3.13
N ALA A 200 19.65 -5.39 2.22
CA ALA A 200 19.14 -6.71 2.61
C ALA A 200 20.03 -7.45 3.61
N LYS A 201 21.34 -7.31 3.50
CA LYS A 201 22.27 -7.98 4.40
C LYS A 201 22.05 -7.60 5.86
N ASN A 202 21.49 -6.41 6.08
CA ASN A 202 21.24 -5.90 7.43
C ASN A 202 19.83 -6.16 7.98
N ALA A 203 18.96 -6.74 7.16
CA ALA A 203 17.59 -7.00 7.61
C ALA A 203 17.48 -7.86 8.86
N PRO A 204 18.17 -9.02 8.90
CA PRO A 204 18.08 -9.88 10.08
C PRO A 204 18.42 -9.18 11.40
N LYS A 205 19.52 -8.42 11.42
CA LYS A 205 19.92 -7.72 12.63
C LYS A 205 18.91 -6.68 13.10
N VAL A 206 18.41 -5.86 12.18
CA VAL A 206 17.44 -4.85 12.52
C VAL A 206 16.16 -5.49 13.03
N TRP A 207 15.73 -6.55 12.35
CA TRP A 207 14.53 -7.28 12.72
C TRP A 207 14.67 -7.87 14.14
N ASP A 208 15.79 -8.52 14.42
CA ASP A 208 16.00 -9.10 15.75
C ASP A 208 15.97 -8.02 16.83
N ALA A 209 16.64 -6.90 16.58
CA ALA A 209 16.67 -5.81 17.54
C ALA A 209 15.26 -5.31 17.81
N LEU A 210 14.47 -5.16 16.75
CA LEU A 210 13.11 -4.69 16.88
C LEU A 210 12.22 -5.71 17.62
N MET A 211 12.39 -6.98 17.31
CA MET A 211 11.62 -8.03 17.97
C MET A 211 11.82 -7.92 19.49
N ASN A 212 13.07 -7.72 19.89
CA ASN A 212 13.41 -7.61 21.30
C ASN A 212 12.60 -6.50 21.98
N LEU A 213 12.38 -5.40 21.27
CA LEU A 213 11.62 -4.28 21.84
C LEU A 213 10.12 -4.53 21.84
N LEU A 214 9.64 -5.33 20.90
CA LEU A 214 8.21 -5.63 20.82
C LEU A 214 7.69 -6.45 21.99
N ARG A 215 8.47 -7.43 22.42
CA ARG A 215 8.08 -8.28 23.53
C ARG A 215 7.97 -7.52 24.84
N LYS A 216 8.50 -6.30 24.87
CA LYS A 216 8.45 -5.47 26.06
C LYS A 216 7.15 -4.69 26.15
N ILE A 217 6.64 -4.26 25.00
CA ILE A 217 5.41 -3.49 24.95
C ILE A 217 4.22 -4.30 24.44
N ASP A 218 4.38 -5.61 24.41
CA ASP A 218 3.33 -6.51 23.95
C ASP A 218 3.03 -6.33 22.46
N GLY A 219 4.05 -6.00 21.69
CA GLY A 219 3.90 -5.83 20.25
C GLY A 219 4.05 -7.18 19.58
N ARG A 220 3.88 -7.25 18.26
CA ARG A 220 3.98 -8.53 17.57
C ARG A 220 4.42 -8.44 16.13
N PRO A 221 5.08 -9.50 15.62
CA PRO A 221 5.48 -9.46 14.22
C PRO A 221 4.12 -9.76 13.57
N ALA A 222 3.85 -9.17 12.41
CA ALA A 222 2.55 -9.38 11.76
C ALA A 222 2.67 -9.79 10.30
N GLY A 223 1.84 -10.75 9.90
CA GLY A 223 1.88 -11.26 8.55
C GLY A 223 0.96 -10.59 7.55
N LEU A 224 0.87 -11.18 6.36
CA LEU A 224 0.05 -10.63 5.29
C LEU A 224 -1.44 -10.67 5.61
N GLY A 225 -1.87 -11.62 6.44
CA GLY A 225 -3.27 -11.68 6.79
C GLY A 225 -3.66 -10.40 7.50
N ALA A 226 -2.87 -10.04 8.49
CA ALA A 226 -3.10 -8.82 9.28
C ALA A 226 -2.87 -7.58 8.42
N ARG A 227 -1.95 -7.69 7.48
CA ARG A 227 -1.65 -6.57 6.60
C ARG A 227 -2.88 -6.21 5.76
N ASP A 228 -3.56 -7.23 5.22
CA ASP A 228 -4.73 -6.98 4.40
C ASP A 228 -5.90 -6.47 5.21
N VAL A 229 -6.09 -7.02 6.40
CA VAL A 229 -7.19 -6.56 7.26
C VAL A 229 -7.01 -5.08 7.59
N CYS A 230 -5.83 -4.72 8.05
CA CYS A 230 -5.58 -3.34 8.42
C CYS A 230 -5.71 -2.35 7.27
N ARG A 231 -5.19 -2.69 6.09
CA ARG A 231 -5.30 -1.76 4.96
C ARG A 231 -6.75 -1.64 4.47
N LEU A 232 -7.52 -2.72 4.54
CA LEU A 232 -8.91 -2.67 4.10
C LEU A 232 -9.71 -1.80 5.06
N GLU A 233 -9.50 -1.99 6.36
CA GLU A 233 -10.17 -1.17 7.36
C GLU A 233 -9.82 0.30 7.10
N ALA A 234 -8.55 0.54 6.76
CA ALA A 234 -8.06 1.89 6.49
C ALA A 234 -8.57 2.38 5.14
N THR A 235 -9.14 1.44 4.38
CA THR A 235 -9.70 1.70 3.07
C THR A 235 -8.64 2.06 2.04
N TYR A 236 -7.46 1.46 2.18
CA TYR A 236 -6.37 1.69 1.23
C TYR A 236 -6.54 0.61 0.15
N LEU A 237 -6.14 0.92 -1.07
CA LEU A 237 -6.29 -0.01 -2.18
C LEU A 237 -5.12 -0.97 -2.36
N LEU A 238 -5.41 -2.12 -2.98
CA LEU A 238 -4.43 -3.15 -3.29
C LEU A 238 -4.45 -3.38 -4.80
N TYR A 239 -3.35 -3.01 -5.48
CA TYR A 239 -3.31 -3.21 -6.92
C TYR A 239 -3.55 -4.66 -7.26
N GLY A 240 -4.32 -4.88 -8.33
CA GLY A 240 -4.63 -6.23 -8.75
C GLY A 240 -5.98 -6.66 -8.24
N GLN A 241 -6.40 -6.11 -7.11
CA GLN A 241 -7.69 -6.44 -6.52
C GLN A 241 -8.70 -5.31 -6.70
N ASP A 242 -8.35 -4.13 -6.21
CA ASP A 242 -9.25 -2.99 -6.30
C ASP A 242 -9.10 -2.19 -7.58
N MET A 243 -8.02 -2.43 -8.31
CA MET A 243 -7.80 -1.73 -9.55
C MET A 243 -6.67 -2.37 -10.34
N ASP A 244 -6.66 -2.08 -11.64
CA ASP A 244 -5.65 -2.59 -12.54
C ASP A 244 -5.65 -1.72 -13.79
N GLU A 245 -5.10 -2.21 -14.89
CA GLU A 245 -5.06 -1.41 -16.11
C GLU A 245 -6.43 -1.19 -16.75
N ASN A 246 -7.46 -1.84 -16.21
CA ASN A 246 -8.81 -1.68 -16.75
C ASN A 246 -9.64 -0.68 -15.97
N THR A 247 -8.99 0.02 -15.04
CA THR A 247 -9.66 1.06 -14.24
C THR A 247 -8.79 2.31 -14.28
N ASN A 248 -9.41 3.49 -14.33
CA ASN A 248 -8.62 4.71 -14.31
C ASN A 248 -8.68 5.23 -12.88
N PRO A 249 -7.80 6.17 -12.51
CA PRO A 249 -7.80 6.70 -11.15
C PRO A 249 -9.11 7.27 -10.62
N PHE A 250 -9.88 7.91 -11.49
CA PHE A 250 -11.13 8.51 -11.05
C PHE A 250 -12.17 7.48 -10.64
N GLU A 251 -12.15 6.31 -11.27
CA GLU A 251 -13.11 5.25 -10.95
C GLU A 251 -12.89 4.57 -9.60
N VAL A 252 -11.69 4.70 -9.06
CA VAL A 252 -11.37 4.05 -7.78
C VAL A 252 -11.09 5.01 -6.63
N GLY A 253 -11.56 6.24 -6.76
CA GLY A 253 -11.39 7.23 -5.70
C GLY A 253 -10.01 7.84 -5.55
N LEU A 254 -9.20 7.79 -6.59
CA LEU A 254 -7.85 8.36 -6.52
C LEU A 254 -7.75 9.67 -7.30
N SER A 255 -8.85 10.37 -7.45
CA SER A 255 -8.83 11.64 -8.18
C SER A 255 -7.78 12.58 -7.58
N TRP A 256 -7.60 12.50 -6.26
CA TRP A 256 -6.66 13.37 -5.57
C TRP A 256 -5.19 13.21 -5.93
N VAL A 257 -4.80 12.10 -6.56
CA VAL A 257 -3.40 11.92 -6.91
C VAL A 257 -3.16 12.28 -8.39
N VAL A 258 -4.22 12.76 -9.05
CA VAL A 258 -4.10 13.14 -10.45
C VAL A 258 -4.12 14.67 -10.57
N LYS A 259 -3.04 15.22 -11.11
CA LYS A 259 -2.92 16.66 -11.28
C LYS A 259 -2.92 16.94 -12.77
N LEU A 260 -4.10 17.25 -13.30
CA LEU A 260 -4.28 17.50 -14.73
C LEU A 260 -3.69 18.80 -15.25
N ASN A 261 -3.14 19.63 -14.37
CA ASN A 261 -2.56 20.89 -14.79
C ASN A 261 -1.15 20.71 -15.35
N LYS A 262 -0.64 19.48 -15.30
CA LYS A 262 0.70 19.18 -15.81
C LYS A 262 0.65 18.07 -16.85
N ASP A 263 1.75 17.88 -17.56
CA ASP A 263 1.84 16.87 -18.60
C ASP A 263 2.41 15.54 -18.06
N PHE A 264 1.75 14.45 -18.39
CA PHE A 264 2.20 13.13 -17.97
C PHE A 264 1.54 12.07 -18.84
N VAL A 265 2.09 10.86 -18.81
CA VAL A 265 1.56 9.75 -19.61
C VAL A 265 0.12 9.41 -19.22
N GLY A 266 -0.77 9.42 -20.20
CA GLY A 266 -2.17 9.12 -19.96
C GLY A 266 -3.00 10.36 -19.70
N LYS A 267 -2.33 11.51 -19.67
CA LYS A 267 -2.98 12.79 -19.43
C LYS A 267 -4.20 13.06 -20.31
N GLU A 268 -4.01 12.96 -21.63
CA GLU A 268 -5.10 13.20 -22.58
C GLU A 268 -6.27 12.25 -22.34
N ALA A 269 -5.95 10.97 -22.18
CA ALA A 269 -6.96 9.96 -21.92
C ALA A 269 -7.74 10.30 -20.65
N LEU A 270 -7.04 10.71 -19.60
CA LEU A 270 -7.71 11.05 -18.35
C LEU A 270 -8.58 12.30 -18.41
N LEU A 271 -8.21 13.25 -19.27
CA LEU A 271 -9.01 14.47 -19.40
C LEU A 271 -10.42 14.10 -19.86
N LYS A 272 -10.50 13.18 -20.81
CA LYS A 272 -11.77 12.73 -21.33
C LYS A 272 -12.48 11.81 -20.33
N ALA A 273 -11.71 10.99 -19.62
CA ALA A 273 -12.28 10.07 -18.64
C ALA A 273 -12.94 10.81 -17.49
N LYS A 274 -12.29 11.88 -17.04
CA LYS A 274 -12.79 12.70 -15.96
C LYS A 274 -14.18 13.28 -16.24
N GLU A 275 -14.46 13.54 -17.51
CA GLU A 275 -15.75 14.10 -17.91
C GLU A 275 -16.87 13.09 -17.76
N LYS A 276 -16.54 11.79 -17.77
CA LYS A 276 -17.55 10.76 -17.64
C LYS A 276 -17.14 9.61 -16.72
N VAL A 277 -17.21 9.84 -15.43
CA VAL A 277 -16.86 8.84 -14.44
C VAL A 277 -18.13 8.02 -14.19
N GLU A 278 -18.18 6.82 -14.75
CA GLU A 278 -19.36 5.97 -14.61
C GLU A 278 -19.27 4.93 -13.52
N ARG A 279 -18.11 4.81 -12.88
CA ARG A 279 -17.93 3.83 -11.82
C ARG A 279 -17.26 4.45 -10.60
N LYS A 280 -17.46 3.82 -9.45
CA LYS A 280 -16.89 4.30 -8.19
C LYS A 280 -16.63 3.12 -7.29
N LEU A 281 -15.67 3.26 -6.38
CA LEU A 281 -15.34 2.18 -5.46
C LEU A 281 -15.99 2.55 -4.13
N VAL A 282 -16.93 1.71 -3.68
CA VAL A 282 -17.64 1.98 -2.44
C VAL A 282 -17.26 1.01 -1.32
N ALA A 283 -17.46 1.46 -0.09
CA ALA A 283 -17.19 0.67 1.10
C ALA A 283 -18.51 0.01 1.52
N LEU A 284 -18.45 -1.30 1.75
CA LEU A 284 -19.63 -2.07 2.13
C LEU A 284 -19.46 -2.77 3.47
N GLU A 285 -20.56 -2.88 4.21
CA GLU A 285 -20.57 -3.60 5.48
C GLU A 285 -21.66 -4.64 5.29
N LEU A 286 -21.25 -5.91 5.23
CA LEU A 286 -22.18 -7.01 5.00
C LEU A 286 -22.77 -7.53 6.31
N SER A 287 -23.92 -8.19 6.19
CA SER A 287 -24.56 -8.78 7.36
C SER A 287 -23.91 -10.16 7.48
N GLY A 288 -23.86 -10.71 8.69
CA GLY A 288 -23.27 -12.03 8.86
C GLY A 288 -21.76 -12.10 8.98
N LYS A 289 -21.24 -13.33 8.95
CA LYS A 289 -19.80 -13.54 9.09
C LYS A 289 -19.11 -13.99 7.81
N ARG A 290 -19.87 -14.25 6.76
CA ARG A 290 -19.28 -14.66 5.49
C ARG A 290 -18.49 -13.51 4.88
N ILE A 291 -17.33 -13.83 4.33
CA ILE A 291 -16.45 -12.85 3.71
C ILE A 291 -16.55 -12.85 2.19
N ALA A 292 -16.83 -11.68 1.62
CA ALA A 292 -16.95 -11.53 0.18
C ALA A 292 -15.58 -11.67 -0.47
N ARG A 293 -15.56 -12.21 -1.69
CA ARG A 293 -14.31 -12.38 -2.44
C ARG A 293 -14.40 -11.61 -3.76
N LYS A 294 -13.23 -11.25 -4.29
CA LYS A 294 -13.19 -10.51 -5.56
C LYS A 294 -14.01 -11.24 -6.62
N GLY A 295 -14.79 -10.50 -7.38
CA GLY A 295 -15.59 -11.13 -8.42
C GLY A 295 -17.05 -11.36 -8.08
N TYR A 296 -17.38 -11.48 -6.81
CA TYR A 296 -18.78 -11.67 -6.43
C TYR A 296 -19.60 -10.49 -6.94
N GLU A 297 -20.70 -10.79 -7.62
CA GLU A 297 -21.55 -9.74 -8.17
C GLU A 297 -22.29 -8.96 -7.08
N VAL A 298 -22.44 -7.66 -7.32
CA VAL A 298 -23.13 -6.79 -6.37
C VAL A 298 -24.40 -6.29 -7.04
N LEU A 299 -25.53 -6.47 -6.35
CA LEU A 299 -26.82 -6.07 -6.89
C LEU A 299 -27.51 -4.98 -6.09
N LYS A 300 -28.44 -4.29 -6.75
CA LYS A 300 -29.22 -3.24 -6.12
C LYS A 300 -30.66 -3.51 -6.55
N ASN A 301 -31.48 -3.99 -5.63
CA ASN A 301 -32.87 -4.30 -5.90
C ASN A 301 -33.03 -5.31 -7.04
N GLY A 302 -32.12 -6.28 -7.11
CA GLY A 302 -32.19 -7.30 -8.14
C GLY A 302 -31.44 -6.99 -9.43
N GLU A 303 -30.89 -5.80 -9.54
CA GLU A 303 -30.15 -5.42 -10.74
C GLU A 303 -28.67 -5.23 -10.43
N ARG A 304 -27.81 -5.83 -11.25
CA ARG A 304 -26.37 -5.72 -11.04
C ARG A 304 -25.86 -4.30 -11.23
N VAL A 305 -24.98 -3.88 -10.31
CA VAL A 305 -24.39 -2.55 -10.38
C VAL A 305 -22.87 -2.64 -10.35
N GLY A 306 -22.34 -3.82 -10.02
CA GLY A 306 -20.90 -3.97 -9.98
C GLY A 306 -20.40 -5.29 -9.42
N GLU A 307 -19.21 -5.26 -8.84
CA GLU A 307 -18.62 -6.47 -8.27
C GLU A 307 -17.66 -6.15 -7.14
N ILE A 308 -17.52 -7.10 -6.22
CA ILE A 308 -16.62 -6.97 -5.08
C ILE A 308 -15.19 -6.94 -5.60
N THR A 309 -14.34 -6.14 -4.97
CA THR A 309 -12.93 -6.06 -5.34
C THR A 309 -12.10 -6.66 -4.22
N SER A 310 -12.44 -6.31 -2.97
CA SER A 310 -11.73 -6.82 -1.81
C SER A 310 -12.70 -7.13 -0.69
N GLY A 311 -12.40 -8.15 0.10
CA GLY A 311 -13.26 -8.51 1.20
C GLY A 311 -12.47 -9.13 2.34
N ASN A 312 -12.93 -8.92 3.57
CA ASN A 312 -12.26 -9.51 4.73
C ASN A 312 -13.10 -9.22 5.97
N PHE A 313 -12.72 -9.80 7.10
CA PHE A 313 -13.45 -9.55 8.32
C PHE A 313 -12.67 -8.55 9.17
N SER A 314 -13.35 -7.50 9.62
CA SER A 314 -12.71 -6.49 10.43
C SER A 314 -12.95 -6.71 11.92
N PRO A 315 -11.90 -7.09 12.67
CA PRO A 315 -12.10 -7.29 14.10
C PRO A 315 -12.28 -5.94 14.78
N THR A 316 -11.74 -4.89 14.16
CA THR A 316 -11.84 -3.55 14.71
C THR A 316 -13.29 -3.08 14.77
N LEU A 317 -14.04 -3.34 13.71
CA LEU A 317 -15.45 -2.95 13.66
C LEU A 317 -16.36 -4.16 13.91
N GLY A 318 -15.77 -5.34 13.99
CA GLY A 318 -16.52 -6.57 14.22
C GLY A 318 -17.55 -6.84 13.13
N LYS A 319 -17.14 -6.66 11.87
CA LYS A 319 -18.04 -6.87 10.74
C LYS A 319 -17.32 -7.37 9.49
N SER A 320 -18.08 -8.02 8.61
CA SER A 320 -17.54 -8.49 7.34
C SER A 320 -17.56 -7.23 6.49
N ILE A 321 -16.42 -6.83 5.95
CA ILE A 321 -16.38 -5.61 5.14
C ILE A 321 -15.82 -5.85 3.74
N ALA A 322 -16.13 -4.94 2.82
CA ALA A 322 -15.65 -5.10 1.45
C ALA A 322 -15.59 -3.80 0.68
N LEU A 323 -14.85 -3.83 -0.41
CA LEU A 323 -14.72 -2.71 -1.31
C LEU A 323 -15.36 -3.27 -2.57
N ALA A 324 -16.10 -2.44 -3.30
CA ALA A 324 -16.75 -2.90 -4.52
C ALA A 324 -16.77 -1.81 -5.58
N LEU A 325 -16.50 -2.20 -6.82
CA LEU A 325 -16.52 -1.25 -7.93
C LEU A 325 -17.93 -1.31 -8.51
N VAL A 326 -18.68 -0.23 -8.36
CA VAL A 326 -20.06 -0.19 -8.81
C VAL A 326 -20.40 1.05 -9.65
N SER A 327 -21.59 1.04 -10.21
CA SER A 327 -22.05 2.16 -11.02
C SER A 327 -22.14 3.43 -10.19
N LYS A 328 -21.98 4.56 -10.86
CA LYS A 328 -22.03 5.87 -10.23
C LYS A 328 -23.33 6.13 -9.47
N SER A 329 -24.41 5.46 -9.86
CA SER A 329 -25.70 5.66 -9.21
C SER A 329 -25.79 5.15 -7.77
N VAL A 330 -24.83 4.32 -7.36
CA VAL A 330 -24.85 3.79 -6.00
C VAL A 330 -24.46 4.89 -5.01
N LYS A 331 -25.21 5.01 -3.93
CA LYS A 331 -24.93 6.03 -2.93
C LYS A 331 -24.83 5.48 -1.51
N ILE A 332 -24.17 6.23 -0.65
CA ILE A 332 -24.01 5.84 0.75
C ILE A 332 -25.42 5.68 1.34
N GLY A 333 -25.62 4.61 2.10
CA GLY A 333 -26.92 4.37 2.69
C GLY A 333 -27.70 3.31 1.93
N ASP A 334 -27.33 3.07 0.68
CA ASP A 334 -28.03 2.07 -0.14
C ASP A 334 -27.90 0.67 0.42
N GLN A 335 -28.95 -0.12 0.22
CA GLN A 335 -28.98 -1.51 0.64
C GLN A 335 -28.69 -2.31 -0.61
N LEU A 336 -27.61 -3.08 -0.59
CA LEU A 336 -27.24 -3.87 -1.76
C LEU A 336 -27.21 -5.37 -1.44
N GLY A 337 -26.97 -6.17 -2.47
CA GLY A 337 -26.91 -7.60 -2.30
C GLY A 337 -25.65 -8.15 -2.94
N VAL A 338 -24.88 -8.94 -2.20
CA VAL A 338 -23.67 -9.55 -2.74
C VAL A 338 -23.99 -11.00 -3.03
N VAL A 339 -23.71 -11.44 -4.26
CA VAL A 339 -24.01 -12.81 -4.64
C VAL A 339 -22.87 -13.77 -4.33
N PHE A 340 -23.07 -14.64 -3.35
CA PHE A 340 -22.07 -15.63 -2.99
C PHE A 340 -22.27 -16.89 -3.83
N PRO A 341 -21.27 -17.78 -3.86
CA PRO A 341 -21.38 -19.03 -4.65
C PRO A 341 -22.72 -19.72 -4.42
N GLY A 342 -23.31 -20.21 -5.50
CA GLY A 342 -24.60 -20.88 -5.37
C GLY A 342 -25.74 -19.90 -5.44
N GLY A 343 -25.43 -18.68 -5.89
CA GLY A 343 -26.44 -17.65 -6.03
C GLY A 343 -27.06 -17.16 -4.74
N LYS A 344 -26.36 -17.32 -3.62
CA LYS A 344 -26.89 -16.88 -2.33
C LYS A 344 -26.61 -15.41 -2.11
N LEU A 345 -27.68 -14.63 -1.96
CA LEU A 345 -27.56 -13.19 -1.74
C LEU A 345 -27.31 -12.85 -0.27
N VAL A 346 -26.36 -11.94 -0.05
CA VAL A 346 -26.03 -11.48 1.30
C VAL A 346 -26.20 -9.97 1.31
N GLU A 347 -26.98 -9.48 2.27
CA GLU A 347 -27.22 -8.05 2.38
C GLU A 347 -25.95 -7.28 2.72
N ALA A 348 -25.85 -6.07 2.18
CA ALA A 348 -24.70 -5.21 2.42
C ALA A 348 -25.14 -3.75 2.41
N LEU A 349 -24.49 -2.95 3.25
CA LEU A 349 -24.81 -1.55 3.37
C LEU A 349 -23.64 -0.69 2.91
N VAL A 350 -23.92 0.30 2.06
CA VAL A 350 -22.87 1.20 1.59
C VAL A 350 -22.60 2.22 2.69
N VAL A 351 -21.35 2.32 3.12
CA VAL A 351 -20.99 3.26 4.18
C VAL A 351 -19.95 4.28 3.72
N LYS A 352 -19.92 5.43 4.38
CA LYS A 352 -18.96 6.47 4.07
C LYS A 352 -17.55 5.93 4.30
N LYS A 353 -16.61 6.26 3.41
CA LYS A 353 -15.24 5.79 3.56
C LYS A 353 -14.44 6.83 4.34
N PRO A 354 -13.42 6.39 5.09
CA PRO A 354 -12.95 5.02 5.27
C PRO A 354 -13.71 4.33 6.41
N PHE A 355 -13.53 3.03 6.57
CA PHE A 355 -14.21 2.30 7.64
C PHE A 355 -13.64 2.75 8.99
N TYR A 356 -12.33 2.96 9.01
CA TYR A 356 -11.64 3.31 10.24
C TYR A 356 -10.40 4.17 10.03
N ARG A 357 -10.17 5.10 10.95
CA ARG A 357 -9.00 5.95 10.90
C ARG A 357 -8.37 5.93 12.29
N GLY A 358 -7.14 5.44 12.35
CA GLY A 358 -6.44 5.35 13.62
C GLY A 358 -5.53 6.53 13.92
N SER A 359 -4.37 6.23 14.47
CA SER A 359 -3.39 7.24 14.85
C SER A 359 -2.53 7.78 13.71
N VAL A 360 -2.84 7.40 12.47
CA VAL A 360 -2.05 7.88 11.34
C VAL A 360 -2.02 9.40 11.36
N ARG A 361 -0.86 9.99 11.10
CA ARG A 361 -0.72 11.44 11.11
C ARG A 361 -1.15 12.12 9.83
N ARG A 362 -1.05 13.44 9.82
CA ARG A 362 -1.40 14.32 8.70
C ARG A 362 -2.25 13.68 7.62
#